data_6L25
#
_entry.id   6L25
#
_cell.length_a   47.627
_cell.length_b   77.832
_cell.length_c   77.378
_cell.angle_alpha   90.000
_cell.angle_beta   98.810
_cell.angle_gamma   90.000
#
_symmetry.space_group_name_H-M   'P 1 21 1'
#
loop_
_entity.id
_entity.type
_entity.pdbx_description
1 polymer 'Deoxyribonuclease YcfH'
2 non-polymer 'NICKEL (II) ION'
3 non-polymer 'PHOSPHATE ION'
4 water water
#
_entity_poly.entity_id   1
_entity_poly.type   'polypeptide(L)'
_entity_poly.pdbx_seq_one_letter_code
;HHHHHHSSGLVPRGSH(MSE)LIDTHVHLNDEQYDDDLSEVITRAREAGVDR(MSE)FVVGFNKSTIERA(MSE)KLIDE
YDFLYGIIGWHPVDAIDFTEEHLEWIESLAQHPKVIGIGE(MSE)GLDYHWDKSPADVQKEVFRKQIALAKRLKLPIIIH
NREATQDCIDILLEEHAEEVGGI(MSE)HSFSGSPEIADIVTNKLNFYISLGGPVTFKNAKQPKEVAKHVS(MSE)ERLL
VETDAPYLSPHPYRGKRNEPARVTLVAEQIAELKGLSYEEVCEQTTKNAEKLFNLNS
;
_entity_poly.pdbx_strand_id   A,B
#
loop_
_chem_comp.id
_chem_comp.type
_chem_comp.name
_chem_comp.formula
NI non-polymer 'NICKEL (II) ION' 'Ni 2'
PO4 non-polymer 'PHOSPHATE ION' 'O4 P -3'
#
# COMPACT_ATOMS: atom_id res chain seq x y z
N MSE A 17 -1.19 -9.75 -31.09
CA MSE A 17 -1.41 -10.89 -30.17
C MSE A 17 -0.57 -10.70 -28.91
O MSE A 17 0.62 -10.47 -28.99
CB MSE A 17 -0.98 -12.17 -30.87
CG MSE A 17 0.29 -11.95 -31.60
SE MSE A 17 0.59 -13.55 -32.64
CE MSE A 17 1.17 -14.81 -31.24
N LEU A 18 -1.19 -10.88 -27.77
CA LEU A 18 -0.54 -10.70 -26.46
C LEU A 18 -0.73 -11.92 -25.57
N ILE A 19 0.16 -12.03 -24.60
CA ILE A 19 0.00 -13.03 -23.50
C ILE A 19 -0.25 -12.29 -22.19
N ASP A 20 -1.31 -12.66 -21.47
CA ASP A 20 -1.49 -12.24 -20.05
C ASP A 20 -0.69 -13.22 -19.19
N THR A 21 0.52 -12.86 -18.75
CA THR A 21 1.47 -13.80 -18.12
C THR A 21 1.09 -14.07 -16.69
N HIS A 22 0.03 -13.44 -16.19
CA HIS A 22 -0.32 -13.64 -14.77
C HIS A 22 -1.79 -13.29 -14.55
N VAL A 23 -2.63 -14.31 -14.46
CA VAL A 23 -4.09 -14.07 -14.24
C VAL A 23 -4.66 -15.14 -13.32
N HIS A 24 -5.69 -14.76 -12.54
CA HIS A 24 -6.41 -15.61 -11.56
C HIS A 24 -7.81 -15.89 -12.08
N LEU A 25 -7.89 -16.51 -13.23
CA LEU A 25 -9.16 -16.98 -13.83
C LEU A 25 -9.79 -18.01 -12.91
N ASN A 26 -8.99 -18.55 -11.98
CA ASN A 26 -9.43 -19.56 -10.99
C ASN A 26 -10.24 -18.91 -9.88
N ASP A 27 -10.40 -17.59 -9.86
CA ASP A 27 -11.03 -16.83 -8.77
C ASP A 27 -12.56 -17.03 -8.84
N GLU A 28 -13.23 -17.05 -7.68
CA GLU A 28 -14.73 -17.15 -7.53
C GLU A 28 -15.42 -15.99 -8.23
N GLN A 29 -14.76 -14.85 -8.37
CA GLN A 29 -15.34 -13.67 -9.05
C GLN A 29 -15.68 -14.01 -10.49
N TYR A 30 -15.11 -15.07 -11.08
CA TYR A 30 -15.46 -15.51 -12.45
C TYR A 30 -16.41 -16.71 -12.47
N ASP A 31 -16.95 -17.12 -11.32
CA ASP A 31 -17.70 -18.39 -11.24
C ASP A 31 -18.86 -18.40 -12.26
N ASP A 32 -19.48 -17.25 -12.54
CA ASP A 32 -20.75 -17.19 -13.33
C ASP A 32 -20.49 -16.76 -14.77
N ASP A 33 -19.33 -16.19 -15.08
CA ASP A 33 -19.13 -15.61 -16.43
C ASP A 33 -17.70 -15.87 -16.96
N LEU A 34 -17.06 -16.97 -16.56
CA LEU A 34 -15.67 -17.24 -16.98
C LEU A 34 -15.59 -17.26 -18.50
N SER A 35 -16.46 -18.05 -19.14
CA SER A 35 -16.46 -18.30 -20.60
C SER A 35 -16.47 -16.95 -21.35
N GLU A 36 -17.38 -16.04 -20.96
CA GLU A 36 -17.52 -14.68 -21.54
C GLU A 36 -16.23 -13.87 -21.38
N VAL A 37 -15.60 -13.97 -20.21
CA VAL A 37 -14.36 -13.21 -19.86
C VAL A 37 -13.25 -13.71 -20.79
N ILE A 38 -13.12 -15.03 -20.92
CA ILE A 38 -12.05 -15.65 -21.76
C ILE A 38 -12.32 -15.27 -23.21
N THR A 39 -13.56 -15.32 -23.64
CA THR A 39 -13.95 -14.98 -25.03
C THR A 39 -13.62 -13.51 -25.28
N ARG A 40 -13.87 -12.62 -24.30
CA ARG A 40 -13.54 -11.18 -24.47
C ARG A 40 -12.04 -10.97 -24.59
N ALA A 41 -11.20 -11.72 -23.88
CA ALA A 41 -9.73 -11.56 -23.97
C ALA A 41 -9.25 -12.04 -25.35
N ARG A 42 -9.78 -13.17 -25.79
CA ARG A 42 -9.33 -13.82 -27.06
C ARG A 42 -9.66 -12.90 -28.23
N GLU A 43 -10.90 -12.37 -28.28
CA GLU A 43 -11.34 -11.37 -29.27
C GLU A 43 -10.48 -10.08 -29.22
N ALA A 44 -9.87 -9.69 -28.08
CA ALA A 44 -9.02 -8.48 -28.00
C ALA A 44 -7.58 -8.80 -28.39
N GLY A 45 -7.27 -10.04 -28.82
CA GLY A 45 -5.90 -10.40 -29.24
C GLY A 45 -5.05 -10.96 -28.09
N VAL A 46 -5.66 -11.32 -26.95
CA VAL A 46 -4.94 -12.02 -25.85
C VAL A 46 -5.10 -13.53 -26.07
N ASP A 47 -4.15 -14.15 -26.78
CA ASP A 47 -4.35 -15.52 -27.34
C ASP A 47 -4.07 -16.53 -26.23
N ARG A 48 -3.06 -16.27 -25.40
CA ARG A 48 -2.66 -17.18 -24.29
C ARG A 48 -2.69 -16.45 -22.95
N MSE A 49 -3.03 -17.20 -21.89
CA MSE A 49 -3.01 -16.65 -20.53
C MSE A 49 -2.44 -17.69 -19.56
O MSE A 49 -2.61 -18.89 -19.77
CB MSE A 49 -4.43 -16.25 -20.12
CG MSE A 49 -5.05 -15.22 -21.04
SE MSE A 49 -7.03 -15.30 -20.97
CE MSE A 49 -7.47 -15.88 -22.78
N PHE A 50 -1.69 -17.20 -18.54
CA PHE A 50 -1.02 -18.07 -17.59
C PHE A 50 -1.73 -17.95 -16.27
N VAL A 51 -2.48 -19.00 -15.92
CA VAL A 51 -3.35 -19.03 -14.73
C VAL A 51 -2.48 -19.38 -13.52
N VAL A 52 -2.56 -18.61 -12.44
CA VAL A 52 -1.68 -18.75 -11.24
C VAL A 52 -2.48 -19.34 -10.05
N GLY A 53 -1.99 -20.50 -9.56
CA GLY A 53 -2.46 -21.21 -8.37
C GLY A 53 -1.48 -21.05 -7.23
N PHE A 54 -1.90 -20.64 -6.04
CA PHE A 54 -0.96 -20.26 -4.96
C PHE A 54 -1.38 -20.85 -3.60
N ASN A 55 -2.37 -21.75 -3.57
CA ASN A 55 -2.73 -22.55 -2.37
C ASN A 55 -3.62 -23.72 -2.80
N LYS A 56 -4.08 -24.57 -1.89
CA LYS A 56 -4.67 -25.86 -2.29
C LYS A 56 -5.79 -25.61 -3.28
N SER A 57 -6.75 -24.78 -2.89
CA SER A 57 -7.98 -24.44 -3.64
C SER A 57 -7.68 -23.85 -5.04
N THR A 58 -6.74 -22.89 -5.11
CA THR A 58 -6.49 -22.15 -6.38
C THR A 58 -5.70 -23.06 -7.33
N ILE A 59 -4.82 -23.91 -6.79
CA ILE A 59 -4.06 -24.94 -7.59
C ILE A 59 -5.05 -25.92 -8.22
N GLU A 60 -5.98 -26.48 -7.46
CA GLU A 60 -6.96 -27.47 -7.98
C GLU A 60 -7.76 -26.82 -9.12
N ARG A 61 -8.26 -25.60 -8.90
CA ARG A 61 -9.03 -24.84 -9.92
C ARG A 61 -8.12 -24.56 -11.13
N ALA A 62 -6.85 -24.16 -10.92
CA ALA A 62 -5.96 -23.84 -12.04
C ALA A 62 -5.74 -25.11 -12.85
N MSE A 63 -5.59 -26.26 -12.14
CA MSE A 63 -5.25 -27.50 -12.83
C MSE A 63 -6.40 -27.88 -13.75
O MSE A 63 -6.19 -28.27 -14.89
CB MSE A 63 -4.93 -28.64 -11.86
CG MSE A 63 -3.62 -28.52 -11.14
SE MSE A 63 -2.09 -27.95 -12.22
CE MSE A 63 -1.96 -29.60 -13.33
N LYS A 64 -7.65 -27.64 -13.30
CA LYS A 64 -8.83 -27.91 -14.10
C LYS A 64 -8.92 -26.97 -15.31
N LEU A 65 -8.58 -25.68 -15.15
CA LEU A 65 -8.67 -24.66 -16.24
C LEU A 65 -7.71 -25.01 -17.39
N ILE A 66 -6.51 -25.47 -17.10
CA ILE A 66 -5.50 -25.76 -18.15
C ILE A 66 -5.84 -27.05 -18.89
N ASP A 67 -6.59 -27.97 -18.28
CA ASP A 67 -7.09 -29.15 -19.04
C ASP A 67 -8.28 -28.75 -19.91
N GLU A 68 -9.07 -27.76 -19.51
CA GLU A 68 -10.31 -27.40 -20.24
C GLU A 68 -9.97 -26.53 -21.46
N TYR A 69 -8.99 -25.64 -21.38
CA TYR A 69 -8.76 -24.62 -22.43
C TYR A 69 -7.37 -24.79 -23.00
N ASP A 70 -7.26 -24.83 -24.34
CA ASP A 70 -6.03 -25.24 -25.04
C ASP A 70 -4.96 -24.16 -24.82
N PHE A 71 -5.36 -22.90 -24.64
CA PHE A 71 -4.47 -21.72 -24.68
C PHE A 71 -4.18 -21.22 -23.24
N LEU A 72 -4.61 -21.92 -22.21
CA LEU A 72 -4.25 -21.60 -20.78
C LEU A 72 -3.15 -22.54 -20.32
N TYR A 73 -2.18 -21.94 -19.63
CA TYR A 73 -1.00 -22.60 -19.04
C TYR A 73 -1.08 -22.30 -17.54
N GLY A 74 -0.40 -23.13 -16.76
CA GLY A 74 -0.44 -23.05 -15.29
C GLY A 74 0.89 -22.70 -14.67
N ILE A 75 0.82 -21.88 -13.63
CA ILE A 75 1.95 -21.52 -12.72
C ILE A 75 1.40 -21.83 -11.32
N ILE A 76 2.06 -22.75 -10.62
CA ILE A 76 1.54 -23.27 -9.34
C ILE A 76 2.69 -23.10 -8.33
N GLY A 77 2.29 -22.83 -7.10
CA GLY A 77 3.22 -22.64 -6.00
C GLY A 77 2.47 -22.18 -4.79
N TRP A 78 3.16 -21.54 -3.86
CA TRP A 78 2.55 -21.23 -2.56
C TRP A 78 2.83 -19.79 -2.17
N HIS A 79 1.74 -19.07 -1.97
CA HIS A 79 1.72 -17.62 -1.72
C HIS A 79 2.29 -17.32 -0.33
N PRO A 80 3.15 -16.28 -0.19
CA PRO A 80 3.71 -15.94 1.11
C PRO A 80 2.62 -15.72 2.19
N VAL A 81 1.48 -15.15 1.83
CA VAL A 81 0.46 -14.83 2.86
C VAL A 81 0.08 -16.16 3.52
N ASP A 82 0.04 -17.25 2.74
CA ASP A 82 -0.43 -18.57 3.24
C ASP A 82 0.75 -19.52 3.54
N ALA A 83 1.96 -18.96 3.74
CA ALA A 83 3.18 -19.72 4.02
C ALA A 83 3.02 -20.64 5.23
N ILE A 84 2.31 -20.23 6.27
CA ILE A 84 2.13 -21.10 7.46
C ILE A 84 1.38 -22.35 7.06
N ASP A 85 0.58 -22.33 5.97
CA ASP A 85 -0.26 -23.49 5.56
C ASP A 85 0.58 -24.48 4.73
N PHE A 86 1.78 -24.13 4.31
CA PHE A 86 2.58 -25.01 3.43
C PHE A 86 3.15 -26.19 4.23
N THR A 87 2.88 -27.41 3.76
CA THR A 87 3.33 -28.70 4.37
C THR A 87 4.32 -29.41 3.46
N GLU A 88 5.00 -30.42 3.95
CA GLU A 88 5.86 -31.31 3.13
C GLU A 88 5.01 -31.99 2.04
N GLU A 89 3.77 -32.38 2.35
CA GLU A 89 2.76 -33.01 1.47
C GLU A 89 2.40 -32.05 0.32
N HIS A 90 2.24 -30.74 0.60
CA HIS A 90 2.01 -29.72 -0.47
C HIS A 90 3.23 -29.64 -1.37
N LEU A 91 4.44 -29.60 -0.83
CA LEU A 91 5.68 -29.50 -1.65
C LEU A 91 5.72 -30.69 -2.63
N GLU A 92 5.41 -31.93 -2.21
CA GLU A 92 5.50 -33.15 -3.06
C GLU A 92 4.39 -33.13 -4.10
N TRP A 93 3.17 -32.75 -3.70
CA TRP A 93 1.99 -32.57 -4.58
C TRP A 93 2.31 -31.60 -5.72
N ILE A 94 2.94 -30.46 -5.42
CA ILE A 94 3.29 -29.43 -6.45
C ILE A 94 4.35 -29.96 -7.43
N GLU A 95 5.38 -30.60 -6.89
CA GLU A 95 6.45 -31.28 -7.64
C GLU A 95 5.84 -32.28 -8.64
N SER A 96 4.86 -33.08 -8.20
CA SER A 96 4.12 -34.04 -9.06
C SER A 96 3.33 -33.28 -10.13
N LEU A 97 2.42 -32.37 -9.75
CA LEU A 97 1.55 -31.54 -10.67
C LEU A 97 2.42 -30.88 -11.73
N ALA A 98 3.63 -30.46 -11.38
CA ALA A 98 4.53 -29.71 -12.29
C ALA A 98 4.92 -30.54 -13.50
N GLN A 99 4.77 -31.86 -13.45
CA GLN A 99 4.99 -32.79 -14.60
C GLN A 99 4.01 -32.51 -15.75
N HIS A 100 2.78 -32.06 -15.48
CA HIS A 100 1.84 -31.59 -16.52
C HIS A 100 2.56 -30.77 -17.59
N PRO A 101 2.41 -31.08 -18.90
CA PRO A 101 3.14 -30.32 -19.92
C PRO A 101 2.81 -28.81 -19.92
N LYS A 102 1.63 -28.40 -19.46
CA LYS A 102 1.20 -26.98 -19.47
C LYS A 102 1.46 -26.26 -18.14
N VAL A 103 2.06 -26.96 -17.16
CA VAL A 103 2.60 -26.26 -15.96
C VAL A 103 3.99 -25.80 -16.36
N ILE A 104 4.17 -24.47 -16.52
CA ILE A 104 5.40 -23.89 -17.10
C ILE A 104 6.23 -23.11 -16.09
N GLY A 105 5.74 -22.95 -14.86
CA GLY A 105 6.41 -22.07 -13.87
C GLY A 105 5.95 -22.35 -12.46
N ILE A 106 6.76 -21.98 -11.49
CA ILE A 106 6.46 -22.21 -10.05
C ILE A 106 6.28 -20.84 -9.41
N GLY A 107 5.15 -20.67 -8.72
CA GLY A 107 4.76 -19.38 -8.14
C GLY A 107 3.25 -19.28 -8.04
N GLU A 108 2.74 -18.12 -7.57
CA GLU A 108 3.54 -17.00 -7.13
C GLU A 108 4.06 -17.21 -5.71
N MSE A 109 5.38 -17.05 -5.56
CA MSE A 109 6.08 -17.23 -4.31
C MSE A 109 6.75 -15.91 -3.94
O MSE A 109 6.96 -15.05 -4.79
CB MSE A 109 7.20 -18.26 -4.47
CG MSE A 109 8.28 -17.78 -5.38
SE MSE A 109 9.70 -19.16 -5.52
CE MSE A 109 8.82 -20.40 -6.70
N GLY A 110 7.17 -15.80 -2.68
CA GLY A 110 7.91 -14.60 -2.31
C GLY A 110 7.66 -14.21 -0.86
N LEU A 111 7.38 -12.93 -0.61
CA LEU A 111 7.32 -12.35 0.75
C LEU A 111 6.23 -11.29 0.72
N ASP A 112 5.39 -11.24 1.73
CA ASP A 112 4.32 -10.22 1.79
C ASP A 112 4.29 -9.72 3.24
N TYR A 113 4.71 -8.46 3.49
CA TYR A 113 4.72 -7.89 4.86
C TYR A 113 3.50 -6.99 5.10
N HIS A 114 2.56 -7.00 4.18
CA HIS A 114 1.28 -6.29 4.40
C HIS A 114 0.45 -7.07 5.41
N TRP A 115 0.19 -8.35 5.14
CA TRP A 115 -0.75 -9.17 5.94
C TRP A 115 0.07 -9.89 6.99
N ASP A 116 -0.57 -10.39 8.04
CA ASP A 116 0.15 -10.91 9.24
C ASP A 116 -0.10 -12.40 9.47
N LYS A 117 -0.97 -13.04 8.69
CA LYS A 117 -1.27 -14.49 8.81
C LYS A 117 0.03 -15.30 8.97
N SER A 118 1.05 -15.01 8.15
CA SER A 118 2.33 -15.77 8.14
C SER A 118 3.48 -14.86 8.51
N PRO A 119 4.27 -15.20 9.54
CA PRO A 119 5.42 -14.39 9.95
C PRO A 119 6.55 -14.48 8.93
N ALA A 120 7.33 -13.41 8.79
CA ALA A 120 8.43 -13.28 7.82
C ALA A 120 9.30 -14.53 7.86
N ASP A 121 9.70 -15.03 9.05
CA ASP A 121 10.64 -16.18 9.16
C ASP A 121 10.06 -17.42 8.44
N VAL A 122 8.79 -17.74 8.67
CA VAL A 122 8.09 -18.87 7.96
C VAL A 122 7.94 -18.51 6.47
N GLN A 123 7.64 -17.26 6.13
CA GLN A 123 7.56 -16.90 4.70
C GLN A 123 8.92 -17.12 4.06
N LYS A 124 10.01 -16.77 4.73
CA LYS A 124 11.37 -16.89 4.11
C LYS A 124 11.70 -18.38 3.87
N GLU A 125 11.35 -19.28 4.80
CA GLU A 125 11.68 -20.71 4.67
C GLU A 125 10.91 -21.29 3.47
N VAL A 126 9.61 -20.98 3.35
CA VAL A 126 8.73 -21.46 2.25
C VAL A 126 9.23 -20.92 0.90
N PHE A 127 9.71 -19.70 0.87
CA PHE A 127 10.21 -19.09 -0.37
C PHE A 127 11.47 -19.88 -0.76
N ARG A 128 12.38 -20.08 0.17
CA ARG A 128 13.65 -20.83 -0.11
C ARG A 128 13.34 -22.26 -0.61
N LYS A 129 12.34 -22.93 -0.04
CA LYS A 129 11.98 -24.33 -0.40
C LYS A 129 11.47 -24.38 -1.84
N GLN A 130 10.69 -23.38 -2.26
CA GLN A 130 10.15 -23.37 -3.64
C GLN A 130 11.23 -22.95 -4.63
N ILE A 131 12.25 -22.16 -4.25
CA ILE A 131 13.43 -21.90 -5.16
C ILE A 131 14.14 -23.23 -5.41
N ALA A 132 14.36 -24.01 -4.36
CA ALA A 132 15.03 -25.35 -4.41
C ALA A 132 14.19 -26.28 -5.28
N LEU A 133 12.88 -26.30 -5.09
CA LEU A 133 11.93 -27.08 -5.93
C LEU A 133 12.03 -26.71 -7.41
N ALA A 134 12.05 -25.42 -7.75
CA ALA A 134 12.09 -24.93 -9.15
C ALA A 134 13.41 -25.35 -9.80
N LYS A 135 14.51 -25.31 -9.04
CA LYS A 135 15.84 -25.80 -9.51
C LYS A 135 15.77 -27.27 -9.91
N ARG A 136 15.05 -28.12 -9.15
CA ARG A 136 14.89 -29.59 -9.45
C ARG A 136 14.02 -29.77 -10.72
N LEU A 137 13.05 -28.87 -10.93
CA LEU A 137 12.03 -29.03 -12.00
C LEU A 137 12.52 -28.40 -13.31
N LYS A 138 13.60 -27.63 -13.20
CA LYS A 138 14.22 -26.74 -14.21
C LYS A 138 13.15 -25.77 -14.74
N LEU A 139 12.41 -25.12 -13.84
CA LEU A 139 11.29 -24.25 -14.24
C LEU A 139 11.55 -22.88 -13.63
N PRO A 140 11.17 -21.82 -14.34
CA PRO A 140 11.31 -20.48 -13.82
C PRO A 140 10.29 -20.17 -12.72
N ILE A 141 10.65 -19.17 -11.91
CA ILE A 141 9.86 -18.83 -10.70
C ILE A 141 9.17 -17.46 -10.92
N ILE A 142 7.94 -17.33 -10.40
CA ILE A 142 7.21 -16.04 -10.47
C ILE A 142 7.19 -15.47 -9.05
N ILE A 143 7.62 -14.23 -8.86
CA ILE A 143 7.84 -13.58 -7.52
C ILE A 143 6.74 -12.60 -7.25
N HIS A 144 6.10 -12.79 -6.11
CA HIS A 144 5.22 -11.85 -5.41
C HIS A 144 6.05 -11.20 -4.32
N ASN A 145 6.14 -9.89 -4.38
CA ASN A 145 6.80 -9.08 -3.35
C ASN A 145 5.83 -8.00 -2.91
N ARG A 146 5.50 -7.92 -1.63
CA ARG A 146 4.73 -6.76 -1.15
C ARG A 146 5.44 -6.21 0.08
N GLU A 147 5.97 -4.99 -0.03
CA GLU A 147 6.58 -4.24 1.10
C GLU A 147 7.78 -5.02 1.61
N ALA A 148 8.40 -5.83 0.77
CA ALA A 148 9.51 -6.70 1.25
C ALA A 148 10.66 -6.71 0.23
N THR A 149 10.88 -5.63 -0.49
CA THR A 149 11.73 -5.66 -1.70
C THR A 149 13.14 -6.14 -1.36
N GLN A 150 13.82 -5.51 -0.41
CA GLN A 150 15.25 -5.87 -0.18
C GLN A 150 15.34 -7.32 0.35
N ASP A 151 14.44 -7.72 1.26
CA ASP A 151 14.42 -9.12 1.78
C ASP A 151 14.25 -10.13 0.64
N CYS A 152 13.45 -9.81 -0.38
CA CYS A 152 13.23 -10.69 -1.57
C CYS A 152 14.48 -10.73 -2.44
N ILE A 153 15.04 -9.57 -2.76
CA ILE A 153 16.27 -9.50 -3.60
C ILE A 153 17.36 -10.30 -2.87
N ASP A 154 17.51 -10.15 -1.54
CA ASP A 154 18.59 -10.84 -0.79
C ASP A 154 18.37 -12.35 -0.92
N ILE A 155 17.13 -12.83 -0.81
CA ILE A 155 16.91 -14.30 -0.87
C ILE A 155 17.25 -14.83 -2.28
N LEU A 156 16.74 -14.16 -3.30
CA LEU A 156 17.00 -14.49 -4.72
C LEU A 156 18.51 -14.50 -5.00
N LEU A 157 19.29 -13.56 -4.53
CA LEU A 157 20.78 -13.56 -4.74
C LEU A 157 21.42 -14.72 -3.96
N GLU A 158 21.05 -14.87 -2.69
CA GLU A 158 21.68 -15.85 -1.75
C GLU A 158 21.39 -17.28 -2.22
N GLU A 159 20.24 -17.50 -2.86
CA GLU A 159 19.85 -18.87 -3.31
C GLU A 159 20.16 -19.06 -4.80
N HIS A 160 20.95 -18.19 -5.41
CA HIS A 160 21.39 -18.33 -6.83
C HIS A 160 20.15 -18.62 -7.72
N ALA A 161 19.07 -17.87 -7.54
CA ALA A 161 17.82 -17.98 -8.33
C ALA A 161 18.08 -17.66 -9.81
N GLU A 162 19.21 -17.00 -10.13
CA GLU A 162 19.67 -16.82 -11.54
C GLU A 162 19.74 -18.17 -12.24
N GLU A 163 19.89 -19.27 -11.51
CA GLU A 163 19.98 -20.61 -12.15
C GLU A 163 18.65 -21.02 -12.79
N VAL A 164 17.49 -20.47 -12.38
CA VAL A 164 16.19 -20.89 -12.97
C VAL A 164 15.53 -19.78 -13.80
N GLY A 165 15.92 -18.52 -13.61
CA GLY A 165 15.23 -17.38 -14.24
C GLY A 165 13.81 -17.24 -13.69
N GLY A 166 13.14 -16.19 -14.08
CA GLY A 166 11.77 -15.91 -13.58
C GLY A 166 11.34 -14.49 -13.85
N ILE A 167 10.25 -14.11 -13.17
CA ILE A 167 9.49 -12.84 -13.31
C ILE A 167 9.40 -12.20 -11.92
N MSE A 168 9.78 -10.92 -11.82
CA MSE A 168 9.31 -10.05 -10.74
C MSE A 168 7.93 -9.53 -11.12
O MSE A 168 7.81 -8.61 -11.94
CB MSE A 168 10.25 -8.87 -10.52
CG MSE A 168 11.61 -9.22 -10.08
SE MSE A 168 11.61 -9.96 -8.25
CE MSE A 168 12.24 -11.70 -8.90
N HIS A 169 6.88 -10.12 -10.55
CA HIS A 169 5.55 -9.92 -11.06
C HIS A 169 4.96 -8.62 -10.53
N SER A 170 4.40 -7.82 -11.42
CA SER A 170 3.80 -6.51 -11.01
C SER A 170 4.85 -5.71 -10.22
N PHE A 171 6.06 -5.56 -10.78
CA PHE A 171 7.24 -4.87 -10.18
C PHE A 171 6.97 -3.36 -10.12
N SER A 172 7.35 -2.69 -9.04
CA SER A 172 7.23 -1.21 -8.90
C SER A 172 8.38 -0.57 -8.09
N GLY A 173 9.50 -1.28 -7.88
CA GLY A 173 10.68 -0.77 -7.16
C GLY A 173 11.45 0.27 -7.98
N SER A 174 12.64 0.64 -7.52
CA SER A 174 13.52 1.65 -8.15
C SER A 174 14.17 1.06 -9.39
N PRO A 175 14.74 1.92 -10.27
CA PRO A 175 15.59 1.46 -11.37
C PRO A 175 16.83 0.69 -10.91
N GLU A 176 17.35 0.99 -9.73
CA GLU A 176 18.56 0.33 -9.16
C GLU A 176 18.21 -1.13 -8.87
N ILE A 177 17.04 -1.34 -8.27
CA ILE A 177 16.50 -2.71 -7.98
C ILE A 177 16.18 -3.40 -9.32
N ALA A 178 15.59 -2.69 -10.28
CA ALA A 178 15.30 -3.26 -11.63
C ALA A 178 16.61 -3.75 -12.29
N ASP A 179 17.68 -2.96 -12.26
CA ASP A 179 19.02 -3.34 -12.80
C ASP A 179 19.56 -4.61 -12.10
N ILE A 180 19.35 -4.76 -10.80
CA ILE A 180 19.75 -6.00 -10.08
C ILE A 180 18.91 -7.16 -10.64
N VAL A 181 17.60 -6.94 -10.80
CA VAL A 181 16.65 -7.99 -11.26
C VAL A 181 17.03 -8.45 -12.66
N THR A 182 17.21 -7.51 -13.60
CA THR A 182 17.47 -7.84 -15.02
C THR A 182 18.96 -8.20 -15.19
N ASN A 183 19.89 -7.45 -14.58
CA ASN A 183 21.34 -7.55 -14.97
C ASN A 183 22.12 -8.52 -14.08
N LYS A 184 21.57 -8.99 -12.96
CA LYS A 184 22.31 -9.90 -12.03
C LYS A 184 21.55 -11.22 -11.89
N LEU A 185 20.23 -11.16 -11.64
CA LEU A 185 19.39 -12.39 -11.50
C LEU A 185 18.98 -12.91 -12.87
N ASN A 186 19.06 -12.05 -13.89
CA ASN A 186 18.69 -12.31 -15.31
C ASN A 186 17.19 -12.66 -15.34
N PHE A 187 16.40 -11.92 -14.57
CA PHE A 187 14.92 -12.09 -14.51
C PHE A 187 14.29 -11.14 -15.53
N TYR A 188 13.02 -11.39 -15.78
CA TYR A 188 12.10 -10.48 -16.50
C TYR A 188 11.33 -9.72 -15.43
N ILE A 189 10.74 -8.61 -15.85
CA ILE A 189 9.87 -7.72 -15.04
C ILE A 189 8.51 -7.65 -15.73
N SER A 190 7.39 -7.98 -15.04
CA SER A 190 6.04 -7.81 -15.62
C SER A 190 5.45 -6.53 -15.05
N LEU A 191 4.65 -5.89 -15.86
CA LEU A 191 3.86 -4.69 -15.50
C LEU A 191 2.41 -5.03 -15.73
N GLY A 192 1.54 -4.50 -14.87
CA GLY A 192 0.09 -4.69 -14.88
C GLY A 192 -0.58 -3.33 -14.83
N GLY A 193 -1.82 -3.31 -14.35
CA GLY A 193 -2.67 -2.11 -14.34
C GLY A 193 -1.96 -0.88 -13.79
N PRO A 194 -1.17 -1.01 -12.68
CA PRO A 194 -0.54 0.15 -12.05
C PRO A 194 0.30 1.01 -12.99
N VAL A 195 0.81 0.44 -14.08
CA VAL A 195 1.47 1.27 -15.12
C VAL A 195 0.50 2.33 -15.72
N THR A 196 -0.82 2.14 -15.61
CA THR A 196 -1.83 3.10 -16.14
C THR A 196 -2.22 4.17 -15.08
N PHE A 197 -1.77 4.05 -13.85
CA PHE A 197 -2.01 5.04 -12.77
C PHE A 197 -1.16 6.29 -13.00
N LYS A 198 -1.78 7.46 -12.81
CA LYS A 198 -1.24 8.82 -13.15
C LYS A 198 -0.26 9.30 -12.07
N ASN A 199 -0.63 9.16 -10.80
CA ASN A 199 0.10 9.72 -9.64
C ASN A 199 1.21 8.79 -9.11
N ALA A 200 1.11 7.48 -9.29
CA ALA A 200 2.18 6.53 -8.90
C ALA A 200 3.19 6.42 -10.06
N LYS A 201 4.26 7.19 -9.97
CA LYS A 201 5.25 7.45 -11.06
C LYS A 201 6.18 6.25 -11.20
N GLN A 202 6.37 5.46 -10.15
CA GLN A 202 7.42 4.39 -10.14
C GLN A 202 7.18 3.34 -11.22
N PRO A 203 5.99 2.74 -11.40
CA PRO A 203 5.79 1.81 -12.51
C PRO A 203 6.14 2.36 -13.91
N LYS A 204 5.68 3.58 -14.23
CA LYS A 204 6.00 4.28 -15.49
C LYS A 204 7.53 4.46 -15.63
N GLU A 205 8.20 4.87 -14.56
CA GLU A 205 9.68 5.00 -14.51
C GLU A 205 10.35 3.65 -14.81
N VAL A 206 9.79 2.54 -14.29
CA VAL A 206 10.30 1.17 -14.53
C VAL A 206 10.12 0.82 -16.01
N ALA A 207 8.96 1.13 -16.58
CA ALA A 207 8.61 0.81 -17.99
C ALA A 207 9.61 1.53 -18.92
N LYS A 208 9.92 2.80 -18.63
CA LYS A 208 10.84 3.62 -19.47
C LYS A 208 12.24 3.06 -19.36
N HIS A 209 12.65 2.71 -18.13
CA HIS A 209 14.05 2.36 -17.79
C HIS A 209 14.43 0.98 -18.33
N VAL A 210 13.55 -0.02 -18.17
CA VAL A 210 13.90 -1.45 -18.41
C VAL A 210 13.85 -1.74 -19.92
N SER A 211 14.87 -2.42 -20.42
CA SER A 211 14.95 -2.96 -21.80
C SER A 211 13.59 -3.55 -22.18
N MSE A 212 13.17 -3.32 -23.44
CA MSE A 212 12.00 -3.96 -24.01
C MSE A 212 12.15 -5.50 -24.01
O MSE A 212 11.15 -6.22 -23.97
CB MSE A 212 11.74 -3.39 -25.41
CG MSE A 212 10.40 -3.78 -26.03
SE MSE A 212 8.83 -3.22 -24.95
CE MSE A 212 7.95 -4.90 -24.36
N GLU A 213 13.39 -6.01 -24.07
CA GLU A 213 13.61 -7.45 -24.12
C GLU A 213 13.51 -8.09 -22.72
N ARG A 214 13.23 -7.32 -21.67
CA ARG A 214 13.08 -7.83 -20.28
C ARG A 214 11.64 -7.63 -19.78
N LEU A 215 10.76 -7.05 -20.57
CA LEU A 215 9.38 -6.70 -20.11
C LEU A 215 8.34 -7.72 -20.59
N LEU A 216 7.36 -7.98 -19.70
CA LEU A 216 6.18 -8.84 -19.89
C LEU A 216 4.95 -8.03 -19.46
N VAL A 217 3.79 -8.34 -19.98
CA VAL A 217 2.57 -7.72 -19.41
C VAL A 217 1.74 -8.78 -18.72
N GLU A 218 0.86 -8.30 -17.83
CA GLU A 218 -0.04 -9.11 -16.99
C GLU A 218 -1.23 -8.22 -16.59
N THR A 219 -2.32 -8.83 -16.12
CA THR A 219 -3.42 -8.10 -15.44
C THR A 219 -3.36 -8.36 -13.93
N ASP A 220 -3.02 -9.57 -13.51
CA ASP A 220 -3.30 -10.03 -12.14
C ASP A 220 -4.84 -10.00 -11.91
N ALA A 221 -5.63 -10.20 -12.96
CA ALA A 221 -7.11 -10.16 -12.83
C ALA A 221 -7.50 -11.23 -11.82
N PRO A 222 -8.48 -10.98 -10.93
CA PRO A 222 -9.36 -9.81 -10.97
C PRO A 222 -8.92 -8.54 -10.24
N TYR A 223 -7.65 -8.46 -9.80
CA TYR A 223 -7.11 -7.29 -9.06
C TYR A 223 -6.58 -6.21 -10.00
N LEU A 224 -6.50 -4.98 -9.47
CA LEU A 224 -5.71 -3.86 -10.02
C LEU A 224 -6.14 -3.58 -11.47
N SER A 225 -7.44 -3.54 -11.69
CA SER A 225 -7.97 -3.12 -13.02
C SER A 225 -7.32 -1.79 -13.40
N PRO A 226 -6.76 -1.64 -14.63
CA PRO A 226 -6.12 -0.41 -15.09
C PRO A 226 -7.15 0.71 -15.32
N HIS A 227 -6.66 1.95 -15.38
CA HIS A 227 -7.46 3.13 -15.86
C HIS A 227 -7.91 2.79 -17.27
N PRO A 228 -9.17 3.09 -17.70
CA PRO A 228 -10.17 3.84 -16.93
C PRO A 228 -11.21 3.06 -16.12
N TYR A 229 -10.83 1.89 -15.65
CA TYR A 229 -11.67 0.94 -14.90
C TYR A 229 -11.10 0.70 -13.50
N ARG A 230 -10.29 1.62 -12.97
CA ARG A 230 -9.83 1.48 -11.56
C ARG A 230 -11.05 1.31 -10.65
N GLY A 231 -11.00 0.38 -9.71
CA GLY A 231 -12.11 0.09 -8.79
C GLY A 231 -12.87 -1.15 -9.24
N LYS A 232 -12.90 -1.40 -10.56
CA LYS A 232 -13.76 -2.44 -11.16
C LYS A 232 -13.03 -3.80 -11.18
N ARG A 233 -13.82 -4.87 -11.23
CA ARG A 233 -13.31 -6.23 -11.45
C ARG A 233 -12.40 -6.18 -12.70
N ASN A 234 -11.16 -6.63 -12.56
CA ASN A 234 -10.23 -6.70 -13.69
C ASN A 234 -10.57 -7.94 -14.53
N GLU A 235 -10.10 -7.97 -15.77
CA GLU A 235 -10.20 -9.18 -16.65
C GLU A 235 -9.03 -9.15 -17.60
N PRO A 236 -8.65 -10.31 -18.16
CA PRO A 236 -7.49 -10.37 -19.03
C PRO A 236 -7.47 -9.52 -20.31
N ALA A 237 -8.65 -9.25 -20.88
CA ALA A 237 -8.84 -8.32 -22.02
C ALA A 237 -8.15 -6.99 -21.70
N ARG A 238 -8.11 -6.57 -20.43
CA ARG A 238 -7.60 -5.22 -20.06
C ARG A 238 -6.09 -5.16 -20.17
N VAL A 239 -5.42 -6.29 -20.45
CA VAL A 239 -3.94 -6.30 -20.64
C VAL A 239 -3.56 -5.45 -21.86
N THR A 240 -4.48 -5.29 -22.81
CA THR A 240 -4.25 -4.35 -23.96
C THR A 240 -3.98 -2.92 -23.45
N LEU A 241 -4.66 -2.45 -22.42
CA LEU A 241 -4.46 -1.08 -21.87
C LEU A 241 -3.05 -0.96 -21.30
N VAL A 242 -2.54 -2.02 -20.62
CA VAL A 242 -1.15 -2.10 -20.11
C VAL A 242 -0.17 -2.05 -21.30
N ALA A 243 -0.45 -2.82 -22.35
CA ALA A 243 0.43 -2.87 -23.54
C ALA A 243 0.47 -1.47 -24.19
N GLU A 244 -0.68 -0.83 -24.37
CA GLU A 244 -0.80 0.55 -24.96
C GLU A 244 0.09 1.51 -24.15
N GLN A 245 -0.01 1.44 -22.83
CA GLN A 245 0.64 2.40 -21.91
C GLN A 245 2.16 2.25 -22.07
N ILE A 246 2.67 1.03 -22.03
CA ILE A 246 4.12 0.73 -22.27
C ILE A 246 4.58 1.31 -23.61
N ALA A 247 3.84 1.10 -24.71
CA ALA A 247 4.18 1.58 -26.08
C ALA A 247 4.36 3.10 -26.06
N GLU A 248 3.42 3.81 -25.46
CA GLU A 248 3.48 5.29 -25.31
C GLU A 248 4.75 5.66 -24.52
N LEU A 249 4.97 5.06 -23.35
CA LEU A 249 6.12 5.41 -22.47
C LEU A 249 7.45 5.12 -23.18
N LYS A 250 7.57 4.03 -23.95
CA LYS A 250 8.87 3.68 -24.58
C LYS A 250 8.95 4.21 -26.02
N GLY A 251 7.94 4.98 -26.47
CA GLY A 251 7.85 5.51 -27.84
C GLY A 251 7.99 4.39 -28.85
N LEU A 252 7.11 3.38 -28.74
CA LEU A 252 7.09 2.18 -29.60
C LEU A 252 5.66 2.00 -30.10
N SER A 253 5.44 1.23 -31.16
CA SER A 253 4.06 0.89 -31.58
C SER A 253 3.50 -0.15 -30.61
N TYR A 254 2.19 -0.28 -30.60
CA TYR A 254 1.47 -1.37 -29.89
C TYR A 254 1.96 -2.72 -30.44
N GLU A 255 1.97 -2.87 -31.77
CA GLU A 255 2.45 -4.10 -32.46
C GLU A 255 3.85 -4.47 -31.94
N GLU A 256 4.74 -3.49 -31.74
CA GLU A 256 6.12 -3.73 -31.27
C GLU A 256 6.09 -4.31 -29.83
N VAL A 257 5.27 -3.75 -28.95
CA VAL A 257 5.22 -4.18 -27.52
C VAL A 257 4.56 -5.57 -27.52
N CYS A 258 3.53 -5.77 -28.34
CA CYS A 258 2.83 -7.09 -28.44
C CYS A 258 3.86 -8.15 -28.87
N GLU A 259 4.63 -7.87 -29.92
CA GLU A 259 5.55 -8.89 -30.49
C GLU A 259 6.71 -9.14 -29.53
N GLN A 260 7.27 -8.09 -28.93
CA GLN A 260 8.42 -8.20 -28.00
C GLN A 260 7.99 -8.91 -26.70
N THR A 261 6.88 -8.54 -26.10
CA THR A 261 6.40 -9.21 -24.86
C THR A 261 6.11 -10.68 -25.15
N THR A 262 5.58 -11.02 -26.34
CA THR A 262 5.32 -12.43 -26.75
C THR A 262 6.64 -13.22 -26.92
N LYS A 263 7.62 -12.68 -27.62
CA LYS A 263 8.96 -13.32 -27.79
C LYS A 263 9.61 -13.58 -26.42
N ASN A 264 9.46 -12.61 -25.50
CA ASN A 264 10.09 -12.66 -24.16
C ASN A 264 9.46 -13.84 -23.38
N ALA A 265 8.14 -13.91 -23.37
CA ALA A 265 7.35 -14.97 -22.72
C ALA A 265 7.74 -16.33 -23.29
N GLU A 266 7.75 -16.42 -24.62
CA GLU A 266 8.04 -17.68 -25.33
C GLU A 266 9.47 -18.12 -25.03
N LYS A 267 10.39 -17.20 -24.79
CA LYS A 267 11.80 -17.54 -24.51
C LYS A 267 11.97 -17.96 -23.04
N LEU A 268 11.31 -17.28 -22.09
CA LEU A 268 11.48 -17.60 -20.65
C LEU A 268 10.83 -18.94 -20.36
N PHE A 269 9.61 -19.17 -20.85
CA PHE A 269 8.87 -20.43 -20.63
C PHE A 269 9.11 -21.41 -21.77
N ASN A 270 8.60 -22.62 -21.62
CA ASN A 270 8.64 -23.65 -22.69
C ASN A 270 7.19 -24.07 -22.91
N LEU A 271 6.51 -23.35 -23.82
CA LEU A 271 5.07 -23.51 -24.15
C LEU A 271 4.92 -24.62 -25.21
N MSE B 17 -3.81 8.41 31.29
CA MSE B 17 -4.69 9.24 30.44
C MSE B 17 -4.00 9.48 29.10
O MSE B 17 -2.83 9.87 29.03
CB MSE B 17 -5.04 10.57 31.10
CG MSE B 17 -5.68 10.44 32.46
SE MSE B 17 -7.63 10.39 32.28
CE MSE B 17 -8.33 11.98 33.22
N LEU B 18 -4.74 9.22 28.03
CA LEU B 18 -4.19 9.37 26.69
C LEU B 18 -4.99 10.41 25.90
N ILE B 19 -4.37 10.95 24.86
CA ILE B 19 -5.08 11.73 23.80
C ILE B 19 -5.00 10.95 22.49
N ASP B 20 -6.10 10.71 21.84
CA ASP B 20 -6.12 10.20 20.45
C ASP B 20 -6.01 11.42 19.53
N THR B 21 -4.82 11.73 19.00
CA THR B 21 -4.55 13.02 18.34
C THR B 21 -5.15 13.06 16.94
N HIS B 22 -5.79 11.99 16.48
CA HIS B 22 -6.23 11.95 15.07
C HIS B 22 -7.35 10.93 14.93
N VAL B 23 -8.59 11.37 14.91
CA VAL B 23 -9.77 10.46 14.84
C VAL B 23 -10.87 11.10 13.98
N HIS B 24 -11.53 10.30 13.14
CA HIS B 24 -12.66 10.69 12.27
C HIS B 24 -13.97 10.21 12.92
N LEU B 25 -14.27 10.73 14.08
CA LEU B 25 -15.58 10.51 14.76
C LEU B 25 -16.68 11.14 13.89
N ASN B 26 -16.31 12.01 12.95
CA ASN B 26 -17.21 12.70 11.99
C ASN B 26 -17.64 11.76 10.85
N ASP B 27 -17.16 10.52 10.83
CA ASP B 27 -17.45 9.51 9.78
C ASP B 27 -18.89 8.99 9.92
N GLU B 28 -19.56 8.69 8.81
CA GLU B 28 -20.89 8.03 8.73
C GLU B 28 -20.87 6.69 9.47
N GLN B 29 -19.69 6.07 9.61
CA GLN B 29 -19.55 4.74 10.25
C GLN B 29 -19.96 4.84 11.71
N TYR B 30 -19.99 6.04 12.33
CA TYR B 30 -20.36 6.21 13.76
C TYR B 30 -21.80 6.75 13.91
N ASP B 31 -22.54 6.83 12.82
CA ASP B 31 -23.83 7.55 12.79
C ASP B 31 -24.79 6.85 13.77
N ASP B 32 -24.69 5.54 13.95
CA ASP B 32 -25.63 4.76 14.82
C ASP B 32 -25.27 4.85 16.29
N ASP B 33 -23.97 4.93 16.63
CA ASP B 33 -23.49 4.62 18.00
C ASP B 33 -22.33 5.52 18.46
N LEU B 34 -22.22 6.73 17.95
CA LEU B 34 -21.10 7.62 18.34
C LEU B 34 -21.05 7.71 19.86
N SER B 35 -22.16 8.04 20.55
CA SER B 35 -22.17 8.27 22.02
C SER B 35 -21.50 7.09 22.73
N GLU B 36 -21.85 5.87 22.34
CA GLU B 36 -21.28 4.66 22.99
C GLU B 36 -19.77 4.56 22.62
N VAL B 37 -19.42 4.79 21.38
CA VAL B 37 -17.97 4.77 20.96
C VAL B 37 -17.18 5.75 21.83
N ILE B 38 -17.68 6.97 22.05
CA ILE B 38 -16.98 8.02 22.84
C ILE B 38 -16.91 7.56 24.29
N THR B 39 -18.01 7.08 24.86
CA THR B 39 -18.01 6.54 26.25
C THR B 39 -16.94 5.44 26.41
N ARG B 40 -16.86 4.49 25.49
CA ARG B 40 -15.86 3.39 25.58
C ARG B 40 -14.43 3.96 25.62
N ALA B 41 -14.19 5.02 24.86
CA ALA B 41 -12.84 5.62 24.81
C ALA B 41 -12.57 6.32 26.14
N ARG B 42 -13.56 7.09 26.64
CA ARG B 42 -13.39 7.83 27.92
C ARG B 42 -13.14 6.83 29.07
N GLU B 43 -13.96 5.77 29.12
CA GLU B 43 -13.87 4.66 30.11
C GLU B 43 -12.51 3.95 30.01
N ALA B 44 -11.84 3.93 28.83
CA ALA B 44 -10.48 3.34 28.63
C ALA B 44 -9.34 4.32 28.95
N GLY B 45 -9.60 5.56 29.40
CA GLY B 45 -8.54 6.55 29.72
C GLY B 45 -8.21 7.50 28.57
N VAL B 46 -8.98 7.42 27.49
CA VAL B 46 -8.86 8.40 26.39
C VAL B 46 -9.70 9.64 26.72
N ASP B 47 -9.08 10.63 27.36
CA ASP B 47 -9.82 11.77 27.96
C ASP B 47 -10.14 12.78 26.85
N ARG B 48 -9.22 13.05 25.91
CA ARG B 48 -9.39 14.01 24.79
C ARG B 48 -9.13 13.32 23.45
N MSE B 49 -9.81 13.83 22.42
CA MSE B 49 -9.68 13.33 21.07
C MSE B 49 -9.75 14.52 20.09
O MSE B 49 -10.51 15.46 20.30
CB MSE B 49 -10.82 12.34 20.76
CG MSE B 49 -10.69 10.99 21.47
SE MSE B 49 -12.50 10.13 21.84
CE MSE B 49 -12.74 10.85 23.63
N PHE B 50 -8.95 14.43 19.02
CA PHE B 50 -8.88 15.50 18.04
C PHE B 50 -9.53 14.99 16.79
N VAL B 51 -10.68 15.58 16.48
CA VAL B 51 -11.52 15.21 15.32
C VAL B 51 -11.03 15.94 14.09
N VAL B 52 -10.81 15.19 13.03
CA VAL B 52 -10.13 15.72 11.82
C VAL B 52 -11.15 15.85 10.69
N GLY B 53 -11.34 17.08 10.20
CA GLY B 53 -12.16 17.40 9.02
C GLY B 53 -11.33 17.78 7.84
N PHE B 54 -11.63 17.26 6.64
CA PHE B 54 -10.69 17.37 5.49
C PHE B 54 -11.41 17.59 4.15
N ASN B 55 -12.72 17.84 4.19
CA ASN B 55 -13.47 18.42 3.06
C ASN B 55 -14.78 19.03 3.58
N LYS B 56 -15.67 19.47 2.72
CA LYS B 56 -16.81 20.28 3.17
C LYS B 56 -17.62 19.46 4.17
N SER B 57 -17.99 18.22 3.88
CA SER B 57 -18.93 17.44 4.73
C SER B 57 -18.26 17.13 6.08
N THR B 58 -17.02 16.67 6.04
CA THR B 58 -16.34 16.17 7.26
C THR B 58 -16.03 17.39 8.11
N ILE B 59 -15.75 18.56 7.52
CA ILE B 59 -15.53 19.79 8.33
C ILE B 59 -16.85 20.16 9.04
N GLU B 60 -17.96 20.12 8.33
CA GLU B 60 -19.26 20.53 8.97
C GLU B 60 -19.46 19.64 10.20
N ARG B 61 -19.40 18.33 10.02
CA ARG B 61 -19.65 17.31 11.07
C ARG B 61 -18.65 17.56 12.22
N ALA B 62 -17.38 17.85 11.90
CA ALA B 62 -16.35 18.07 12.95
C ALA B 62 -16.73 19.26 13.83
N MSE B 63 -17.18 20.35 13.18
CA MSE B 63 -17.51 21.58 13.89
C MSE B 63 -18.72 21.35 14.80
O MSE B 63 -18.72 21.87 15.91
CB MSE B 63 -17.76 22.75 12.92
CG MSE B 63 -16.60 23.11 12.00
SE MSE B 63 -14.98 23.54 13.01
CE MSE B 63 -15.45 25.15 14.06
N LYS B 64 -19.67 20.50 14.40
CA LYS B 64 -20.79 20.12 15.26
C LYS B 64 -20.33 19.26 16.47
N LEU B 65 -19.41 18.29 16.30
CA LEU B 65 -18.91 17.48 17.44
C LEU B 65 -18.14 18.34 18.46
N ILE B 66 -17.26 19.27 18.05
CA ILE B 66 -16.45 20.05 19.03
C ILE B 66 -17.37 21.01 19.78
N ASP B 67 -18.51 21.40 19.22
CA ASP B 67 -19.52 22.19 19.98
C ASP B 67 -20.17 21.27 21.01
N GLU B 68 -20.48 20.01 20.66
CA GLU B 68 -21.34 19.14 21.51
C GLU B 68 -20.52 18.53 22.65
N TYR B 69 -19.23 18.20 22.47
CA TYR B 69 -18.47 17.46 23.50
C TYR B 69 -17.29 18.29 23.96
N ASP B 70 -17.17 18.43 25.28
CA ASP B 70 -16.25 19.39 25.90
C ASP B 70 -14.80 19.00 25.58
N PHE B 71 -14.55 17.69 25.53
CA PHE B 71 -13.21 17.08 25.44
C PHE B 71 -12.83 16.79 23.96
N LEU B 72 -13.60 17.23 22.96
CA LEU B 72 -13.24 17.09 21.53
C LEU B 72 -12.74 18.42 20.98
N TYR B 73 -11.63 18.36 20.24
CA TYR B 73 -10.99 19.52 19.59
C TYR B 73 -10.99 19.24 18.11
N GLY B 74 -10.88 20.29 17.28
CA GLY B 74 -10.96 20.15 15.83
C GLY B 74 -9.62 20.42 15.18
N ILE B 75 -9.31 19.62 14.16
CA ILE B 75 -8.25 19.90 13.15
C ILE B 75 -8.99 19.94 11.81
N ILE B 76 -8.89 21.02 11.08
CA ILE B 76 -9.61 21.22 9.82
C ILE B 76 -8.67 21.65 8.69
N GLY B 77 -9.03 21.29 7.46
CA GLY B 77 -8.08 21.47 6.35
C GLY B 77 -8.61 20.74 5.16
N TRP B 78 -7.74 20.45 4.21
CA TRP B 78 -8.24 19.90 2.93
C TRP B 78 -7.34 18.77 2.45
N HIS B 79 -7.96 17.61 2.34
CA HIS B 79 -7.30 16.30 2.02
C HIS B 79 -6.73 16.32 0.60
N PRO B 80 -5.46 15.91 0.41
CA PRO B 80 -4.86 15.91 -0.91
C PRO B 80 -5.68 15.13 -1.95
N VAL B 81 -6.33 14.06 -1.52
CA VAL B 81 -7.11 13.29 -2.53
C VAL B 81 -8.21 14.20 -3.10
N ASP B 82 -8.75 15.10 -2.28
CA ASP B 82 -9.85 16.03 -2.69
C ASP B 82 -9.30 17.40 -3.10
N ALA B 83 -8.00 17.51 -3.39
CA ALA B 83 -7.37 18.79 -3.72
C ALA B 83 -8.11 19.49 -4.89
N ILE B 84 -8.55 18.76 -5.93
CA ILE B 84 -9.24 19.41 -7.09
C ILE B 84 -10.52 20.12 -6.62
N ASP B 85 -11.12 19.73 -5.48
CA ASP B 85 -12.40 20.34 -5.02
C ASP B 85 -12.15 21.62 -4.21
N PHE B 86 -10.88 21.98 -3.92
CA PHE B 86 -10.53 23.10 -3.00
C PHE B 86 -10.63 24.40 -3.79
N THR B 87 -11.47 25.30 -3.30
CA THR B 87 -11.82 26.59 -3.96
C THR B 87 -11.32 27.72 -3.08
N GLU B 88 -11.30 28.91 -3.63
CA GLU B 88 -10.93 30.11 -2.84
C GLU B 88 -11.92 30.29 -1.70
N GLU B 89 -13.19 29.96 -1.92
CA GLU B 89 -14.28 30.05 -0.91
C GLU B 89 -13.98 29.10 0.26
N HIS B 90 -13.54 27.88 -0.04
CA HIS B 90 -13.21 26.88 1.01
C HIS B 90 -12.06 27.40 1.89
N LEU B 91 -11.03 27.99 1.30
CA LEU B 91 -9.85 28.52 2.02
C LEU B 91 -10.29 29.66 2.98
N GLU B 92 -11.21 30.57 2.60
CA GLU B 92 -11.69 31.69 3.45
C GLU B 92 -12.56 31.12 4.57
N TRP B 93 -13.27 30.05 4.24
CA TRP B 93 -14.19 29.34 5.14
C TRP B 93 -13.37 28.66 6.23
N ILE B 94 -12.24 28.03 5.89
CA ILE B 94 -11.43 27.34 6.91
C ILE B 94 -10.80 28.38 7.84
N GLU B 95 -10.36 29.51 7.29
CA GLU B 95 -9.69 30.59 8.04
C GLU B 95 -10.69 31.15 9.08
N SER B 96 -11.95 31.32 8.72
CA SER B 96 -12.99 31.84 9.66
C SER B 96 -13.38 30.76 10.68
N LEU B 97 -13.44 29.47 10.30
CA LEU B 97 -13.77 28.41 11.29
C LEU B 97 -12.65 28.27 12.32
N ALA B 98 -11.38 28.40 11.90
CA ALA B 98 -10.18 28.27 12.75
C ALA B 98 -10.20 29.27 13.92
N GLN B 99 -10.99 30.35 13.83
CA GLN B 99 -11.10 31.29 14.98
C GLN B 99 -11.80 30.62 16.17
N HIS B 100 -12.55 29.51 15.97
CA HIS B 100 -13.16 28.71 17.07
C HIS B 100 -12.06 28.31 18.05
N PRO B 101 -12.23 28.59 19.36
CA PRO B 101 -11.18 28.31 20.34
C PRO B 101 -10.76 26.83 20.42
N LYS B 102 -11.61 25.89 20.01
CA LYS B 102 -11.26 24.45 19.99
C LYS B 102 -10.80 23.97 18.61
N VAL B 103 -10.62 24.86 17.64
CA VAL B 103 -9.90 24.48 16.39
C VAL B 103 -8.43 24.77 16.64
N ILE B 104 -7.66 23.70 16.78
CA ILE B 104 -6.28 23.74 17.33
C ILE B 104 -5.18 23.46 16.29
N GLY B 105 -5.53 23.02 15.10
CA GLY B 105 -4.58 22.64 14.05
C GLY B 105 -5.25 22.62 12.69
N ILE B 106 -4.43 22.66 11.66
CA ILE B 106 -4.85 22.69 10.26
C ILE B 106 -4.33 21.42 9.60
N GLY B 107 -5.25 20.72 8.94
CA GLY B 107 -4.99 19.43 8.27
C GLY B 107 -6.25 18.56 8.25
N GLU B 108 -6.16 17.30 7.82
CA GLU B 108 -4.97 16.70 7.30
C GLU B 108 -4.75 17.19 5.86
N MSE B 109 -3.52 17.65 5.61
CA MSE B 109 -3.12 18.20 4.34
C MSE B 109 -1.90 17.39 3.91
O MSE B 109 -1.24 16.75 4.71
CB MSE B 109 -2.66 19.65 4.45
CG MSE B 109 -1.41 19.82 5.26
SE MSE B 109 -0.83 21.73 5.44
CE MSE B 109 -2.30 22.26 6.55
N GLY B 110 -1.58 17.48 2.63
CA GLY B 110 -0.33 16.87 2.21
C GLY B 110 -0.39 16.35 0.78
N LEU B 111 0.13 15.13 0.54
CA LEU B 111 0.14 14.53 -0.81
C LEU B 111 -0.29 13.08 -0.74
N ASP B 112 -1.02 12.62 -1.73
CA ASP B 112 -1.44 11.20 -1.81
C ASP B 112 -1.31 10.74 -3.28
N TYR B 113 -0.35 9.85 -3.57
CA TYR B 113 -0.09 9.36 -4.95
C TYR B 113 -0.67 7.97 -5.17
N HIS B 114 -1.47 7.47 -4.24
CA HIS B 114 -2.17 6.18 -4.43
C HIS B 114 -3.42 6.39 -5.28
N TRP B 115 -4.21 7.45 -5.05
CA TRP B 115 -5.48 7.72 -5.77
C TRP B 115 -5.22 8.79 -6.84
N ASP B 116 -5.99 8.80 -7.91
CA ASP B 116 -5.67 9.65 -9.08
C ASP B 116 -6.70 10.76 -9.24
N LYS B 117 -7.73 10.81 -8.39
CA LYS B 117 -8.76 11.90 -8.44
C LYS B 117 -8.11 13.28 -8.56
N SER B 118 -7.06 13.56 -7.78
CA SER B 118 -6.34 14.85 -7.93
C SER B 118 -4.92 14.62 -8.44
N PRO B 119 -4.50 15.29 -9.52
CA PRO B 119 -3.11 15.26 -9.94
C PRO B 119 -2.12 15.90 -8.94
N ALA B 120 -0.87 15.43 -8.97
CA ALA B 120 0.21 15.89 -8.08
C ALA B 120 0.36 17.42 -8.13
N ASP B 121 0.27 18.08 -9.29
CA ASP B 121 0.54 19.55 -9.38
C ASP B 121 -0.53 20.33 -8.62
N VAL B 122 -1.79 19.93 -8.73
CA VAL B 122 -2.92 20.52 -7.95
C VAL B 122 -2.71 20.19 -6.46
N GLN B 123 -2.30 18.97 -6.14
CA GLN B 123 -2.11 18.59 -4.70
C GLN B 123 -1.06 19.49 -4.08
N LYS B 124 0.06 19.69 -4.77
CA LYS B 124 1.18 20.52 -4.25
C LYS B 124 0.69 21.96 -4.05
N GLU B 125 -0.11 22.53 -4.97
CA GLU B 125 -0.60 23.94 -4.79
C GLU B 125 -1.54 24.05 -3.59
N VAL B 126 -2.47 23.12 -3.42
CA VAL B 126 -3.39 23.11 -2.25
C VAL B 126 -2.62 22.92 -0.94
N PHE B 127 -1.60 22.09 -0.97
CA PHE B 127 -0.68 21.84 0.17
C PHE B 127 0.02 23.16 0.54
N ARG B 128 0.67 23.82 -0.42
CA ARG B 128 1.37 25.10 -0.14
C ARG B 128 0.36 26.15 0.41
N LYS B 129 -0.83 26.23 -0.15
CA LYS B 129 -1.84 27.24 0.27
C LYS B 129 -2.20 27.04 1.74
N GLN B 130 -2.26 25.80 2.21
CA GLN B 130 -2.69 25.49 3.57
C GLN B 130 -1.55 25.71 4.54
N ILE B 131 -0.30 25.57 4.09
CA ILE B 131 0.86 25.93 4.94
C ILE B 131 0.78 27.44 5.17
N ALA B 132 0.52 28.18 4.10
CA ALA B 132 0.49 29.67 4.18
C ALA B 132 -0.64 30.07 5.13
N LEU B 133 -1.79 29.42 5.03
CA LEU B 133 -2.93 29.67 5.94
C LEU B 133 -2.53 29.42 7.41
N ALA B 134 -1.94 28.26 7.72
CA ALA B 134 -1.51 27.89 9.07
C ALA B 134 -0.53 28.92 9.64
N LYS B 135 0.36 29.48 8.82
CA LYS B 135 1.28 30.53 9.30
C LYS B 135 0.52 31.77 9.75
N ARG B 136 -0.52 32.20 9.02
CA ARG B 136 -1.38 33.39 9.32
C ARG B 136 -2.12 33.13 10.64
N LEU B 137 -2.61 31.90 10.84
CA LEU B 137 -3.43 31.54 12.04
C LEU B 137 -2.50 31.22 13.22
N LYS B 138 -1.18 31.08 12.99
CA LYS B 138 -0.20 30.55 13.98
C LYS B 138 -0.71 29.21 14.57
N LEU B 139 -1.17 28.30 13.72
CA LEU B 139 -1.56 26.94 14.18
C LEU B 139 -0.62 25.91 13.57
N PRO B 140 -0.37 24.80 14.28
CA PRO B 140 0.39 23.70 13.71
C PRO B 140 -0.39 22.95 12.60
N ILE B 141 0.34 22.22 11.75
CA ILE B 141 -0.23 21.48 10.59
C ILE B 141 -0.11 19.95 10.80
N ILE B 142 -1.12 19.24 10.31
CA ILE B 142 -1.22 17.75 10.36
C ILE B 142 -1.05 17.26 8.92
N ILE B 143 -0.02 16.44 8.69
CA ILE B 143 0.41 15.98 7.35
C ILE B 143 -0.02 14.55 7.05
N HIS B 144 -0.79 14.43 5.98
CA HIS B 144 -1.12 13.16 5.32
C HIS B 144 -0.10 13.00 4.22
N ASN B 145 0.63 11.90 4.26
CA ASN B 145 1.54 11.47 3.17
C ASN B 145 1.19 10.03 2.82
N ARG B 146 0.89 9.79 1.54
CA ARG B 146 0.78 8.41 1.04
C ARG B 146 1.60 8.29 -0.24
N GLU B 147 2.66 7.50 -0.18
CA GLU B 147 3.49 7.16 -1.36
C GLU B 147 4.10 8.42 -1.98
N ALA B 148 4.35 9.46 -1.17
CA ALA B 148 4.79 10.79 -1.65
C ALA B 148 5.78 11.38 -0.65
N THR B 149 6.57 10.55 0.01
CA THR B 149 7.38 10.96 1.19
C THR B 149 8.35 12.08 0.79
N GLN B 150 9.17 11.90 -0.24
CA GLN B 150 10.22 12.92 -0.50
C GLN B 150 9.59 14.23 -1.05
N ASP B 151 8.53 14.13 -1.85
CA ASP B 151 7.80 15.32 -2.36
C ASP B 151 7.21 16.11 -1.17
N CYS B 152 6.70 15.44 -0.12
CA CYS B 152 6.11 16.16 1.06
C CYS B 152 7.24 16.86 1.81
N ILE B 153 8.33 16.14 2.08
CA ILE B 153 9.48 16.70 2.84
C ILE B 153 9.97 17.95 2.08
N ASP B 154 10.09 17.86 0.75
CA ASP B 154 10.65 19.01 0.00
C ASP B 154 9.73 20.21 0.17
N ILE B 155 8.40 19.99 0.16
CA ILE B 155 7.45 21.10 0.34
C ILE B 155 7.54 21.72 1.72
N LEU B 156 7.53 20.90 2.78
CA LEU B 156 7.65 21.35 4.18
C LEU B 156 8.95 22.18 4.33
N LEU B 157 10.04 21.74 3.74
CA LEU B 157 11.35 22.48 3.78
C LEU B 157 11.27 23.80 2.98
N GLU B 158 10.74 23.77 1.76
CA GLU B 158 10.66 24.97 0.88
C GLU B 158 9.73 26.02 1.48
N GLU B 159 8.66 25.63 2.19
CA GLU B 159 7.63 26.59 2.63
C GLU B 159 7.91 26.99 4.07
N HIS B 160 9.08 26.61 4.61
CA HIS B 160 9.50 26.87 6.00
C HIS B 160 8.41 26.49 6.99
N ALA B 161 7.95 25.24 6.93
CA ALA B 161 6.82 24.76 7.79
C ALA B 161 7.32 24.61 9.23
N GLU B 162 8.64 24.59 9.46
CA GLU B 162 9.25 24.62 10.81
C GLU B 162 8.72 25.82 11.61
N GLU B 163 8.28 26.88 10.96
CA GLU B 163 7.69 28.06 11.63
C GLU B 163 6.39 27.67 12.36
N VAL B 164 5.63 26.69 11.86
CA VAL B 164 4.27 26.44 12.45
C VAL B 164 4.30 25.20 13.32
N GLY B 165 5.25 24.30 13.07
CA GLY B 165 5.31 22.96 13.71
C GLY B 165 4.13 22.10 13.27
N GLY B 166 4.07 20.88 13.77
CA GLY B 166 3.10 19.93 13.21
C GLY B 166 3.43 18.48 13.49
N ILE B 167 2.66 17.61 12.83
CA ILE B 167 2.67 16.14 12.97
C ILE B 167 2.81 15.54 11.59
N MSE B 168 3.72 14.58 11.42
CA MSE B 168 3.63 13.63 10.30
C MSE B 168 2.77 12.47 10.77
O MSE B 168 3.24 11.63 11.56
CB MSE B 168 4.99 13.02 9.94
CG MSE B 168 6.02 13.97 9.55
SE MSE B 168 5.55 14.89 7.87
CE MSE B 168 5.41 13.41 6.61
N HIS B 169 1.50 12.50 10.35
CA HIS B 169 0.47 11.66 10.94
C HIS B 169 0.60 10.24 10.40
N SER B 170 0.52 9.27 11.30
CA SER B 170 0.69 7.81 10.98
C SER B 170 1.95 7.59 10.14
N PHE B 171 3.10 8.07 10.61
CA PHE B 171 4.32 8.11 9.79
C PHE B 171 4.80 6.68 9.53
N SER B 172 5.01 6.36 8.27
CA SER B 172 5.88 5.23 7.90
C SER B 172 6.87 5.72 6.85
N GLY B 173 8.09 5.94 7.30
CA GLY B 173 9.27 6.20 6.46
C GLY B 173 10.47 5.64 7.18
N SER B 174 11.64 5.80 6.60
CA SER B 174 12.95 5.42 7.17
C SER B 174 13.25 6.29 8.40
N PRO B 175 14.12 5.79 9.30
CA PRO B 175 14.64 6.61 10.38
C PRO B 175 15.38 7.85 9.87
N GLU B 176 15.97 7.81 8.67
CA GLU B 176 16.69 8.97 8.08
C GLU B 176 15.66 10.06 7.73
N ILE B 177 14.49 9.69 7.23
CA ILE B 177 13.38 10.65 7.01
C ILE B 177 12.87 11.10 8.38
N ALA B 178 12.67 10.17 9.34
CA ALA B 178 12.22 10.54 10.71
C ALA B 178 13.15 11.63 11.26
N ASP B 179 14.46 11.49 11.03
CA ASP B 179 15.46 12.45 11.58
C ASP B 179 15.28 13.84 10.93
N ILE B 180 14.97 13.90 9.63
CA ILE B 180 14.69 15.21 8.94
C ILE B 180 13.44 15.77 9.60
N VAL B 181 12.45 14.89 9.84
CA VAL B 181 11.17 15.36 10.41
C VAL B 181 11.36 15.94 11.79
N THR B 182 12.04 15.24 12.70
CA THR B 182 12.16 15.73 14.09
C THR B 182 13.28 16.76 14.22
N ASN B 183 14.38 16.66 13.47
CA ASN B 183 15.65 17.43 13.76
C ASN B 183 15.78 18.67 12.86
N LYS B 184 15.29 18.62 11.63
CA LYS B 184 15.27 19.80 10.73
C LYS B 184 13.93 20.53 10.84
N LEU B 185 12.83 19.84 10.59
CA LEU B 185 11.48 20.46 10.68
C LEU B 185 11.03 20.68 12.14
N ASN B 186 11.55 19.93 13.12
CA ASN B 186 11.08 20.01 14.54
C ASN B 186 9.57 19.71 14.56
N PHE B 187 9.14 18.77 13.71
CA PHE B 187 7.77 18.18 13.80
C PHE B 187 7.78 17.00 14.79
N TYR B 188 6.57 16.60 15.16
CA TYR B 188 6.26 15.38 15.93
C TYR B 188 5.92 14.30 14.89
N ILE B 189 5.95 13.05 15.32
CA ILE B 189 5.57 11.85 14.54
C ILE B 189 4.46 11.14 15.33
N SER B 190 3.30 10.90 14.72
CA SER B 190 2.23 10.12 15.41
C SER B 190 2.28 8.68 14.88
N LEU B 191 1.99 7.73 15.73
CA LEU B 191 1.88 6.30 15.34
C LEU B 191 0.47 5.83 15.67
N GLY B 192 -0.04 4.91 14.87
CA GLY B 192 -1.39 4.35 14.98
C GLY B 192 -1.36 2.84 14.95
N GLY B 193 -2.46 2.24 14.51
CA GLY B 193 -2.64 0.79 14.55
C GLY B 193 -1.47 0.07 13.87
N PRO B 194 -0.93 0.57 12.75
CA PRO B 194 0.17 -0.13 12.05
C PRO B 194 1.37 -0.47 12.92
N VAL B 195 1.60 0.25 14.02
CA VAL B 195 2.72 -0.10 14.95
C VAL B 195 2.45 -1.49 15.56
N THR B 196 1.20 -1.97 15.54
CA THR B 196 0.84 -3.24 16.19
C THR B 196 0.87 -4.43 15.22
N PHE B 197 1.05 -4.19 13.93
CA PHE B 197 0.95 -5.24 12.89
C PHE B 197 2.26 -6.05 12.95
N LYS B 198 2.17 -7.38 12.94
CA LYS B 198 3.32 -8.33 13.12
C LYS B 198 4.44 -8.05 12.10
N ASN B 199 4.11 -8.02 10.80
CA ASN B 199 5.13 -7.91 9.73
C ASN B 199 5.35 -6.45 9.30
N ALA B 200 4.71 -5.46 9.94
CA ALA B 200 4.97 -4.00 9.79
C ALA B 200 6.34 -3.61 10.37
N LYS B 201 7.43 -3.93 9.67
CA LYS B 201 8.78 -3.65 10.21
C LYS B 201 9.01 -2.16 10.39
N GLN B 202 8.74 -1.37 9.35
CA GLN B 202 9.04 0.10 9.32
C GLN B 202 8.43 0.85 10.51
N PRO B 203 7.10 0.78 10.84
CA PRO B 203 6.56 1.50 11.98
C PRO B 203 7.19 1.12 13.34
N LYS B 204 7.38 -0.19 13.61
CA LYS B 204 8.13 -0.69 14.81
C LYS B 204 9.54 -0.07 14.85
N GLU B 205 10.22 0.02 13.71
CA GLU B 205 11.59 0.58 13.70
C GLU B 205 11.48 2.09 13.97
N VAL B 206 10.48 2.77 13.38
CA VAL B 206 10.24 4.22 13.69
C VAL B 206 9.99 4.39 15.19
N ALA B 207 9.17 3.57 15.82
CA ALA B 207 8.83 3.74 17.23
C ALA B 207 10.07 3.56 18.11
N LYS B 208 10.92 2.55 17.81
CA LYS B 208 12.20 2.30 18.54
C LYS B 208 13.17 3.45 18.32
N HIS B 209 13.28 3.93 17.09
CA HIS B 209 14.29 4.94 16.67
C HIS B 209 13.95 6.33 17.20
N VAL B 210 12.68 6.78 17.13
CA VAL B 210 12.33 8.19 17.44
C VAL B 210 12.27 8.39 18.95
N SER B 211 12.74 9.56 19.39
CA SER B 211 12.72 9.98 20.79
C SER B 211 11.26 9.98 21.28
N MSE B 212 11.09 9.57 22.53
CA MSE B 212 9.79 9.58 23.19
C MSE B 212 9.27 11.01 23.24
O MSE B 212 8.05 11.24 23.36
CB MSE B 212 9.92 8.99 24.61
CG MSE B 212 8.61 8.75 25.34
SE MSE B 212 7.51 7.39 24.39
CE MSE B 212 6.09 8.64 23.79
N GLU B 213 10.17 12.00 23.16
CA GLU B 213 9.75 13.39 23.27
C GLU B 213 9.18 13.93 21.93
N ARG B 214 9.21 13.13 20.88
CA ARG B 214 8.73 13.50 19.55
C ARG B 214 7.49 12.66 19.18
N LEU B 215 7.02 11.76 20.06
CA LEU B 215 6.01 10.74 19.65
C LEU B 215 4.62 11.14 20.17
N LEU B 216 3.63 10.84 19.35
CA LEU B 216 2.19 11.03 19.65
C LEU B 216 1.47 9.77 19.24
N VAL B 217 0.29 9.49 19.82
CA VAL B 217 -0.50 8.33 19.40
C VAL B 217 -1.83 8.75 18.79
N GLU B 218 -2.35 7.90 17.94
CA GLU B 218 -3.59 8.20 17.17
C GLU B 218 -4.24 6.87 16.79
N THR B 219 -5.51 6.89 16.39
CA THR B 219 -6.19 5.72 15.80
C THR B 219 -6.40 5.91 14.30
N ASP B 220 -6.67 7.12 13.84
CA ASP B 220 -7.25 7.38 12.51
C ASP B 220 -8.57 6.60 12.42
N ALA B 221 -9.23 6.29 13.54
CA ALA B 221 -10.53 5.56 13.48
C ALA B 221 -11.45 6.29 12.52
N PRO B 222 -12.31 5.61 11.75
CA PRO B 222 -12.56 4.18 11.82
C PRO B 222 -11.59 3.29 11.07
N TYR B 223 -10.51 3.86 10.51
CA TYR B 223 -9.52 3.15 9.69
C TYR B 223 -8.45 2.47 10.52
N LEU B 224 -7.82 1.43 9.97
CA LEU B 224 -6.50 0.90 10.48
C LEU B 224 -6.66 0.38 11.92
N SER B 225 -7.75 -0.32 12.25
CA SER B 225 -7.88 -0.96 13.56
C SER B 225 -6.62 -1.76 13.90
N PRO B 226 -6.00 -1.61 15.09
CA PRO B 226 -4.84 -2.39 15.48
C PRO B 226 -5.17 -3.87 15.71
N HIS B 227 -4.13 -4.68 15.63
CA HIS B 227 -4.15 -6.08 16.16
C HIS B 227 -4.61 -6.02 17.62
N PRO B 228 -5.55 -6.87 18.10
CA PRO B 228 -6.09 -8.00 17.33
C PRO B 228 -7.43 -7.82 16.59
N TYR B 229 -7.75 -6.59 16.19
CA TYR B 229 -9.02 -6.23 15.52
C TYR B 229 -8.78 -5.72 14.10
N ARG B 230 -7.71 -6.20 13.45
CA ARG B 230 -7.41 -5.72 12.10
C ARG B 230 -8.56 -6.10 11.18
N GLY B 231 -9.02 -5.16 10.36
CA GLY B 231 -10.11 -5.42 9.40
C GLY B 231 -11.47 -5.03 9.95
N LYS B 232 -11.53 -4.69 11.24
CA LYS B 232 -12.77 -4.33 11.96
C LYS B 232 -12.89 -2.80 12.02
N ARG B 233 -14.10 -2.27 12.29
CA ARG B 233 -14.26 -0.80 12.45
C ARG B 233 -13.39 -0.36 13.64
N ASN B 234 -12.47 0.57 13.43
CA ASN B 234 -11.57 1.07 14.51
C ASN B 234 -12.41 2.01 15.38
N GLU B 235 -11.92 2.29 16.59
CA GLU B 235 -12.51 3.33 17.47
C GLU B 235 -11.42 3.85 18.38
N PRO B 236 -11.60 5.06 18.94
CA PRO B 236 -10.56 5.73 19.71
C PRO B 236 -10.12 4.95 20.95
N ALA B 237 -10.96 4.11 21.55
CA ALA B 237 -10.57 3.28 22.71
C ALA B 237 -9.34 2.44 22.34
N ARG B 238 -9.18 2.06 21.07
CA ARG B 238 -8.09 1.12 20.65
C ARG B 238 -6.76 1.87 20.64
N VAL B 239 -6.75 3.17 20.92
CA VAL B 239 -5.44 3.88 20.99
C VAL B 239 -4.64 3.35 22.17
N THR B 240 -5.29 2.70 23.13
CA THR B 240 -4.56 2.09 24.26
C THR B 240 -3.66 0.95 23.73
N LEU B 241 -4.03 0.19 22.70
CA LEU B 241 -3.21 -0.92 22.11
C LEU B 241 -1.97 -0.33 21.41
N VAL B 242 -2.09 0.86 20.82
CA VAL B 242 -0.95 1.58 20.16
C VAL B 242 0.03 1.94 21.27
N ALA B 243 -0.45 2.61 22.32
CA ALA B 243 0.39 3.08 23.44
C ALA B 243 1.10 1.88 24.11
N GLU B 244 0.39 0.78 24.33
CA GLU B 244 0.98 -0.48 24.89
C GLU B 244 2.13 -0.94 24.01
N GLN B 245 1.95 -0.93 22.69
CA GLN B 245 2.97 -1.48 21.76
C GLN B 245 4.19 -0.57 21.79
N ILE B 246 4.01 0.76 21.91
CA ILE B 246 5.13 1.73 21.98
C ILE B 246 5.88 1.46 23.31
N ALA B 247 5.16 1.31 24.43
CA ALA B 247 5.74 0.92 25.74
C ALA B 247 6.64 -0.32 25.54
N GLU B 248 6.12 -1.38 24.90
CA GLU B 248 6.80 -2.69 24.70
C GLU B 248 8.07 -2.44 23.86
N LEU B 249 7.95 -1.69 22.77
CA LEU B 249 9.07 -1.50 21.80
C LEU B 249 10.20 -0.69 22.43
N LYS B 250 9.91 0.31 23.27
CA LYS B 250 10.89 1.25 23.84
C LYS B 250 11.35 0.86 25.27
N GLY B 251 10.84 -0.22 25.86
CA GLY B 251 11.18 -0.66 27.23
C GLY B 251 10.72 0.33 28.27
N LEU B 252 9.47 0.80 28.13
CA LEU B 252 8.86 1.85 28.99
C LEU B 252 7.57 1.29 29.57
N SER B 253 7.08 1.83 30.67
CA SER B 253 5.76 1.43 31.21
C SER B 253 4.70 2.10 30.33
N TYR B 254 3.51 1.52 30.28
CA TYR B 254 2.32 2.13 29.66
C TYR B 254 2.10 3.52 30.26
N GLU B 255 2.27 3.64 31.57
CA GLU B 255 2.07 4.90 32.32
C GLU B 255 3.03 5.98 31.77
N GLU B 256 4.26 5.61 31.42
CA GLU B 256 5.30 6.54 30.89
C GLU B 256 4.88 7.00 29.47
N VAL B 257 4.47 6.06 28.62
CA VAL B 257 4.00 6.40 27.24
C VAL B 257 2.74 7.30 27.35
N CYS B 258 1.79 7.03 28.23
CA CYS B 258 0.57 7.90 28.34
C CYS B 258 1.02 9.31 28.75
N GLU B 259 1.93 9.39 29.72
CA GLU B 259 2.31 10.68 30.31
C GLU B 259 3.12 11.47 29.25
N GLN B 260 4.06 10.84 28.55
CA GLN B 260 4.89 11.59 27.57
C GLN B 260 4.08 12.01 26.32
N THR B 261 3.28 11.13 25.74
CA THR B 261 2.46 11.45 24.54
C THR B 261 1.50 12.58 24.94
N THR B 262 0.96 12.60 26.16
CA THR B 262 0.09 13.71 26.61
C THR B 262 0.89 15.02 26.69
N LYS B 263 2.04 15.01 27.37
CA LYS B 263 2.98 16.16 27.49
C LYS B 263 3.24 16.77 26.09
N ASN B 264 3.48 15.89 25.13
CA ASN B 264 3.86 16.27 23.75
C ASN B 264 2.68 16.96 23.08
N ALA B 265 1.45 16.42 23.25
CA ALA B 265 0.23 16.95 22.59
C ALA B 265 -0.04 18.32 23.17
N GLU B 266 0.08 18.45 24.49
CA GLU B 266 -0.21 19.72 25.20
C GLU B 266 0.82 20.76 24.77
N LYS B 267 2.09 20.38 24.60
CA LYS B 267 3.17 21.28 24.12
C LYS B 267 2.82 21.76 22.71
N LEU B 268 2.50 20.88 21.78
CA LEU B 268 2.33 21.25 20.34
C LEU B 268 1.07 22.12 20.19
N PHE B 269 -0.04 21.70 20.79
CA PHE B 269 -1.35 22.35 20.62
C PHE B 269 -1.62 23.34 21.76
N ASN B 270 -2.70 24.10 21.64
CA ASN B 270 -3.23 24.94 22.74
C ASN B 270 -4.71 24.59 22.96
NI NI C . -1.38 -12.83 -8.56
NI NI D . 0.69 -11.37 -6.08
P PO4 E . -2.46 -11.78 -5.19
O1 PO4 E . -3.30 -11.95 -4.03
O2 PO4 E . -1.04 -11.80 -4.82
O3 PO4 E . -2.77 -12.79 -6.18
O4 PO4 E . -2.89 -10.40 -5.73
P PO4 F . 1.13 -7.89 -6.08
O1 PO4 F . 1.07 -7.24 -4.78
O2 PO4 F . 0.23 -9.05 -6.04
O3 PO4 F . 2.52 -8.31 -6.39
O4 PO4 F . 0.73 -6.94 -7.09
NI NI G . -7.08 10.72 8.93
NI NI H . -4.75 10.44 6.32
P PO4 I . -7.65 9.21 5.58
O1 PO4 I . -8.30 9.93 6.58
O2 PO4 I . -6.35 10.00 5.16
O3 PO4 I . -7.30 7.81 6.10
O4 PO4 I . -8.46 8.99 4.41
P PO4 J . -2.43 7.61 6.19
O1 PO4 J . -2.27 6.64 7.36
O2 PO4 J . -3.83 8.30 6.22
O3 PO4 J . -2.30 6.88 4.85
O4 PO4 J . -1.29 8.66 6.25
#